data_3KN2
#
_entry.id   3KN2
#
_cell.length_a   224.486
_cell.length_b   224.486
_cell.length_c   75.465
_cell.angle_alpha   90.00
_cell.angle_beta   90.00
_cell.angle_gamma   120.00
#
_symmetry.space_group_name_H-M   'H 3 2'
#
loop_
_entity.id
_entity.type
_entity.pdbx_description
1 polymer 'HCV NS3 Protease Domain'
2 polymer 'Peptide KK-NS4A-KK'
3 non-polymer 'ZINC ION'
4 non-polymer (1R,2S,5S)-3-{(2S)-2-(2,3-dihydro-1H-inden-2-yl)-2-[({(1S)-2,2-dimethyl-1-[(2-oxopiperidin-1-yl)methyl]propyl}carbamoyl)amino]acetyl}-6,6-dimethyl-N-{(1S)-1-[oxo(prop-2-en-1-ylamino)acetyl]butyl}-3-azabicyclo[3.1.0]hexane-2-carboxamide
5 water water
#
loop_
_entity_poly.entity_id
_entity_poly.type
_entity_poly.pdbx_seq_one_letter_code
_entity_poly.pdbx_strand_id
1 'polypeptide(L)'
;MASMTGGQQMGAPITAYAQQTRGLLGCIITSLTGRDKNQVEGEVQIVSTATQTFLATCINGVCWTVYHGAGTRTIASPKG
PVIQMYTNVDQDLVGWPAPQGSRSLTPCTCGSSDLYLVTRHADVIPVRRRGDSRGSLLSPRPISYLKGSSGGPLLCPAGH
AVGLFRAAVCTRGVAKAVDFIPVENLETTMRSGSHHHHHH
;
A,C
2 'polypeptide(L)' KKGSVVIVGRIVLSGKPAIIPKK B,D
#
loop_
_chem_comp.id
_chem_comp.type
_chem_comp.name
_chem_comp.formula
M66 non-polymer (1R,2S,5S)-3-{(2S)-2-(2,3-dihydro-1H-inden-2-yl)-2-[({(1S)-2,2-dimethyl-1-[(2-oxopiperidin-1-yl)methyl]propyl}carbamoyl)amino]acetyl}-6,6-dimethyl-N-{(1S)-1-[oxo(prop-2-en-1-ylamino)acetyl]butyl}-3-azabicyclo[3.1.0]hexane-2-carboxamide 'C40 H58 N6 O6'
ZN non-polymer 'ZINC ION' 'Zn 2'
#
# COMPACT_ATOMS: atom_id res chain seq x y z
N ALA A 12 5.31 4.53 10.39
CA ALA A 12 4.76 3.36 9.65
C ALA A 12 4.78 3.67 8.15
N PRO A 13 4.88 2.64 7.31
CA PRO A 13 4.92 2.78 5.85
C PRO A 13 3.51 2.90 5.26
N ILE A 14 3.43 3.42 4.04
CA ILE A 14 2.16 3.58 3.34
C ILE A 14 1.66 2.22 2.85
N THR A 15 0.54 1.79 3.40
CA THR A 15 -0.07 0.53 3.01
C THR A 15 -1.51 0.89 2.75
N ALA A 16 -2.11 0.28 1.73
CA ALA A 16 -3.49 0.57 1.40
C ALA A 16 -4.25 -0.67 0.95
N TYR A 17 -5.56 -0.65 1.17
CA TYR A 17 -6.40 -1.74 0.72
C TYR A 17 -7.65 -1.18 0.06
N ALA A 18 -8.20 -1.90 -0.90
CA ALA A 18 -9.41 -1.47 -1.60
C ALA A 18 -10.60 -2.37 -1.25
N GLN A 19 -11.80 -1.82 -1.33
CA GLN A 19 -13.03 -2.56 -1.06
C GLN A 19 -14.11 -2.04 -2.00
N GLN A 20 -14.77 -2.94 -2.73
CA GLN A 20 -15.83 -2.49 -3.62
C GLN A 20 -17.12 -2.47 -2.83
N THR A 21 -17.90 -1.40 -2.98
CA THR A 21 -19.14 -1.28 -2.22
C THR A 21 -20.39 -1.49 -3.05
N ARG A 22 -20.26 -1.51 -4.38
CA ARG A 22 -21.40 -1.74 -5.23
C ARG A 22 -21.05 -2.07 -6.65
N GLY A 23 -21.99 -2.75 -7.31
CA GLY A 23 -21.79 -3.19 -8.69
C GLY A 23 -22.45 -2.35 -9.75
N LEU A 24 -22.28 -2.78 -10.99
CA LEU A 24 -22.80 -2.10 -12.15
C LEU A 24 -24.26 -1.63 -12.09
N LEU A 25 -25.19 -2.53 -11.81
CA LEU A 25 -26.60 -2.12 -11.76
C LEU A 25 -26.92 -1.20 -10.59
N GLY A 26 -26.34 -1.51 -9.44
CA GLY A 26 -26.58 -0.69 -8.27
C GLY A 26 -26.08 0.72 -8.51
N CYS A 27 -24.95 0.83 -9.20
CA CYS A 27 -24.34 2.11 -9.53
C CYS A 27 -25.20 2.92 -10.49
N ILE A 28 -25.76 2.25 -11.52
CA ILE A 28 -26.62 2.93 -12.49
C ILE A 28 -27.85 3.50 -11.80
N ILE A 29 -28.54 2.68 -11.01
CA ILE A 29 -29.74 3.13 -10.31
C ILE A 29 -29.37 4.32 -9.43
N THR A 30 -28.28 4.20 -8.69
CA THR A 30 -27.81 5.25 -7.79
C THR A 30 -27.43 6.53 -8.53
N SER A 31 -26.97 6.40 -9.76
CA SER A 31 -26.57 7.55 -10.54
C SER A 31 -27.79 8.36 -10.91
N LEU A 32 -28.85 7.68 -11.35
CA LEU A 32 -30.09 8.33 -11.72
C LEU A 32 -30.74 8.90 -10.48
N THR A 33 -30.93 8.02 -9.52
CA THR A 33 -31.55 8.37 -8.25
C THR A 33 -30.81 9.50 -7.55
N GLY A 34 -29.48 9.43 -7.56
CA GLY A 34 -28.68 10.44 -6.88
C GLY A 34 -28.68 10.28 -5.38
N ARG A 35 -29.25 9.17 -4.89
CA ARG A 35 -29.33 8.92 -3.46
C ARG A 35 -28.54 7.66 -3.14
N ASP A 36 -27.49 7.83 -2.35
CA ASP A 36 -26.64 6.73 -1.95
C ASP A 36 -26.70 6.63 -0.44
N LYS A 37 -27.31 5.56 0.06
CA LYS A 37 -27.44 5.38 1.51
C LYS A 37 -26.30 4.56 2.09
N ASN A 38 -25.39 4.11 1.24
CA ASN A 38 -24.25 3.31 1.67
C ASN A 38 -23.37 4.09 2.64
N GLN A 39 -22.74 3.37 3.56
CA GLN A 39 -21.83 3.95 4.56
C GLN A 39 -20.51 4.26 3.85
N VAL A 40 -19.88 5.38 4.22
CA VAL A 40 -18.61 5.78 3.61
C VAL A 40 -17.46 5.67 4.61
N GLU A 41 -16.31 5.24 4.13
CA GLU A 41 -15.13 5.11 4.97
C GLU A 41 -13.91 5.29 4.09
N GLY A 42 -12.82 5.77 4.67
CA GLY A 42 -11.60 5.92 3.88
C GLY A 42 -11.24 7.31 3.44
N GLU A 43 -10.07 7.42 2.82
CA GLU A 43 -9.52 8.69 2.36
C GLU A 43 -9.71 8.89 0.87
N VAL A 44 -9.79 7.78 0.14
CA VAL A 44 -9.95 7.83 -1.30
C VAL A 44 -11.19 7.03 -1.64
N GLN A 45 -12.05 7.59 -2.49
CA GLN A 45 -13.25 6.89 -2.92
C GLN A 45 -13.13 6.48 -4.38
N ILE A 46 -13.50 5.24 -4.68
CA ILE A 46 -13.50 4.75 -6.05
C ILE A 46 -14.82 5.31 -6.59
N VAL A 47 -14.73 6.01 -7.70
CA VAL A 47 -15.88 6.73 -8.22
C VAL A 47 -16.27 6.33 -9.64
N SER A 48 -17.55 6.42 -9.96
CA SER A 48 -18.01 6.06 -11.29
C SER A 48 -19.09 6.96 -11.85
N THR A 49 -19.06 7.10 -13.17
CA THR A 49 -20.06 7.86 -13.90
C THR A 49 -20.61 6.74 -14.78
N ALA A 50 -21.32 7.10 -15.85
CA ALA A 50 -21.86 6.08 -16.76
C ALA A 50 -20.72 5.63 -17.67
N THR A 51 -19.89 6.61 -18.03
CA THR A 51 -18.76 6.42 -18.90
C THR A 51 -17.55 5.71 -18.27
N GLN A 52 -17.05 6.24 -17.15
CA GLN A 52 -15.86 5.67 -16.54
C GLN A 52 -15.81 5.65 -15.02
N THR A 53 -14.78 5.00 -14.51
CA THR A 53 -14.53 4.90 -13.08
C THR A 53 -13.11 5.33 -12.77
N PHE A 54 -13.00 6.24 -11.82
CA PHE A 54 -11.72 6.81 -11.40
C PHE A 54 -11.70 6.99 -9.87
N LEU A 55 -10.84 7.87 -9.37
CA LEU A 55 -10.71 8.10 -7.93
C LEU A 55 -11.01 9.54 -7.53
N ALA A 56 -11.33 9.74 -6.26
CA ALA A 56 -11.59 11.05 -5.69
C ALA A 56 -10.91 11.01 -4.32
N THR A 57 -10.09 12.01 -4.01
CA THR A 57 -9.36 12.01 -2.74
C THR A 57 -9.92 13.06 -1.78
N CYS A 58 -10.12 12.69 -0.51
CA CYS A 58 -10.60 13.65 0.47
C CYS A 58 -9.42 14.32 1.15
N ILE A 59 -9.27 15.63 0.97
CA ILE A 59 -8.18 16.37 1.59
C ILE A 59 -8.83 17.56 2.26
N ASN A 60 -8.61 17.69 3.58
CA ASN A 60 -9.18 18.78 4.37
C ASN A 60 -10.70 18.98 4.23
N GLY A 61 -11.44 17.91 4.43
CA GLY A 61 -12.90 18.01 4.36
C GLY A 61 -13.56 18.20 3.01
N VAL A 62 -12.79 18.14 1.93
CA VAL A 62 -13.36 18.29 0.60
C VAL A 62 -12.92 17.08 -0.21
N CYS A 63 -13.86 16.47 -0.92
CA CYS A 63 -13.58 15.31 -1.75
C CYS A 63 -13.24 15.89 -3.10
N TRP A 64 -12.01 15.65 -3.55
CA TRP A 64 -11.52 16.20 -4.80
C TRP A 64 -11.33 15.17 -5.88
N THR A 65 -11.48 15.60 -7.12
CA THR A 65 -11.24 14.72 -8.23
C THR A 65 -10.95 15.52 -9.49
N VAL A 66 -10.67 14.77 -10.54
CA VAL A 66 -10.30 15.31 -11.83
C VAL A 66 -11.53 15.82 -12.64
N TYR A 67 -11.47 17.05 -13.11
CA TYR A 67 -12.57 17.62 -13.87
C TYR A 67 -12.88 16.86 -15.15
N HIS A 68 -11.84 16.31 -15.79
CA HIS A 68 -12.03 15.58 -17.03
C HIS A 68 -12.73 14.22 -16.83
N GLY A 69 -13.03 13.89 -15.58
CA GLY A 69 -13.70 12.65 -15.28
C GLY A 69 -15.07 12.95 -14.70
N ALA A 70 -15.14 13.86 -13.74
CA ALA A 70 -16.39 14.23 -13.06
C ALA A 70 -17.22 15.25 -13.81
N GLY A 71 -16.53 16.12 -14.54
CA GLY A 71 -17.22 17.15 -15.29
C GLY A 71 -17.84 18.07 -14.28
N THR A 72 -19.12 18.36 -14.45
CA THR A 72 -19.77 19.25 -13.51
C THR A 72 -20.89 18.51 -12.74
N ARG A 73 -20.88 17.18 -12.84
CA ARG A 73 -21.87 16.33 -12.19
C ARG A 73 -21.94 16.53 -10.70
N THR A 74 -23.05 16.06 -10.12
CA THR A 74 -23.27 16.11 -8.69
C THR A 74 -22.77 14.77 -8.13
N ILE A 75 -22.58 14.66 -6.82
CA ILE A 75 -22.16 13.38 -6.26
C ILE A 75 -23.34 12.83 -5.47
N ALA A 76 -23.64 11.56 -5.65
CA ALA A 76 -24.76 10.92 -4.96
C ALA A 76 -24.46 10.78 -3.47
N SER A 77 -25.40 11.20 -2.63
CA SER A 77 -25.23 11.11 -1.18
C SER A 77 -26.54 10.62 -0.57
N PRO A 78 -26.59 10.43 0.77
CA PRO A 78 -27.82 9.94 1.42
C PRO A 78 -28.98 10.92 1.34
N LYS A 79 -28.69 12.17 1.05
CA LYS A 79 -29.71 13.21 0.97
C LYS A 79 -29.92 13.66 -0.47
N GLY A 80 -29.68 12.76 -1.42
CA GLY A 80 -29.83 13.11 -2.82
C GLY A 80 -28.51 13.64 -3.35
N PRO A 81 -28.50 14.27 -4.54
CA PRO A 81 -27.28 14.80 -5.15
C PRO A 81 -26.73 16.01 -4.42
N VAL A 82 -25.40 16.10 -4.41
CA VAL A 82 -24.68 17.19 -3.78
C VAL A 82 -23.94 17.94 -4.87
N ILE A 83 -24.16 19.25 -4.93
CA ILE A 83 -23.53 20.12 -5.93
C ILE A 83 -22.06 20.30 -5.60
N GLN A 84 -21.24 20.45 -6.63
CA GLN A 84 -19.82 20.65 -6.41
C GLN A 84 -19.56 21.93 -5.66
N MET A 85 -18.63 21.89 -4.72
CA MET A 85 -18.27 23.09 -3.98
C MET A 85 -17.35 23.90 -4.85
N TYR A 86 -16.39 23.23 -5.48
CA TYR A 86 -15.44 23.92 -6.34
C TYR A 86 -15.45 23.30 -7.72
N THR A 87 -15.07 24.10 -8.69
CA THR A 87 -15.00 23.67 -10.08
C THR A 87 -13.95 24.58 -10.70
N ASN A 88 -12.95 23.99 -11.34
CA ASN A 88 -11.91 24.77 -11.98
C ASN A 88 -11.50 24.07 -13.25
N VAL A 89 -12.15 24.44 -14.35
CA VAL A 89 -11.88 23.83 -15.62
C VAL A 89 -10.43 24.00 -16.05
N ASP A 90 -9.82 25.13 -15.68
CA ASP A 90 -8.44 25.40 -16.05
C ASP A 90 -7.46 24.50 -15.34
N GLN A 91 -7.67 24.32 -14.04
CA GLN A 91 -6.78 23.48 -13.25
C GLN A 91 -7.18 22.02 -13.22
N ASP A 92 -8.26 21.70 -13.92
CA ASP A 92 -8.77 20.34 -14.05
C ASP A 92 -9.21 19.74 -12.70
N LEU A 93 -9.91 20.54 -11.90
CA LEU A 93 -10.35 20.12 -10.58
C LEU A 93 -11.82 20.34 -10.30
N VAL A 94 -12.37 19.54 -9.39
CA VAL A 94 -13.74 19.69 -8.93
C VAL A 94 -13.67 19.17 -7.51
N GLY A 95 -14.49 19.71 -6.63
CA GLY A 95 -14.49 19.24 -5.26
C GLY A 95 -15.88 19.35 -4.70
N TRP A 96 -16.30 18.32 -3.98
CA TRP A 96 -17.61 18.28 -3.34
C TRP A 96 -17.29 18.18 -1.86
N PRO A 97 -18.25 18.48 -0.97
CA PRO A 97 -17.93 18.36 0.46
C PRO A 97 -17.65 16.87 0.69
N ALA A 98 -16.62 16.55 1.47
CA ALA A 98 -16.28 15.15 1.73
C ALA A 98 -17.46 14.41 2.35
N PRO A 99 -17.78 13.21 1.83
CA PRO A 99 -18.89 12.41 2.34
C PRO A 99 -18.75 12.14 3.83
N GLN A 100 -19.88 12.14 4.54
CA GLN A 100 -19.86 11.86 5.97
C GLN A 100 -19.34 10.44 6.10
N GLY A 101 -18.27 10.26 6.85
CA GLY A 101 -17.71 8.93 7.03
C GLY A 101 -16.29 8.83 6.48
N SER A 102 -15.98 9.65 5.49
CA SER A 102 -14.65 9.64 4.90
C SER A 102 -13.68 10.30 5.89
N ARG A 103 -12.37 10.09 5.67
CA ARG A 103 -11.30 10.69 6.48
C ARG A 103 -10.47 11.47 5.47
N SER A 104 -10.04 12.67 5.84
CA SER A 104 -9.24 13.50 4.94
C SER A 104 -7.73 13.38 5.13
N LEU A 105 -6.99 13.59 4.04
CA LEU A 105 -5.54 13.59 4.11
C LEU A 105 -5.23 15.06 4.37
N THR A 106 -3.98 15.38 4.65
CA THR A 106 -3.59 16.77 4.87
C THR A 106 -2.47 17.08 3.90
N PRO A 107 -2.41 18.33 3.44
CA PRO A 107 -1.37 18.76 2.50
C PRO A 107 0.04 18.54 3.06
N CYS A 108 0.97 18.20 2.17
CA CYS A 108 2.35 17.97 2.54
C CYS A 108 3.00 19.28 2.94
N THR A 109 3.89 19.18 3.93
CA THR A 109 4.61 20.33 4.46
C THR A 109 6.06 19.92 4.75
N CYS A 110 6.76 19.47 3.70
CA CYS A 110 8.14 19.02 3.86
C CYS A 110 8.90 19.06 2.54
N GLY A 111 8.17 19.34 1.46
CA GLY A 111 8.77 19.41 0.14
C GLY A 111 9.59 18.21 -0.29
N SER A 112 9.15 17.00 0.09
CA SER A 112 9.86 15.77 -0.30
C SER A 112 9.75 15.59 -1.81
N SER A 113 10.83 15.15 -2.42
CA SER A 113 10.85 14.93 -3.86
C SER A 113 10.50 13.47 -4.13
N ASP A 114 10.43 12.67 -3.08
CA ASP A 114 10.09 11.26 -3.21
C ASP A 114 8.62 11.10 -2.89
N LEU A 115 7.84 10.81 -3.92
CA LEU A 115 6.40 10.66 -3.79
C LEU A 115 5.95 9.22 -4.03
N TYR A 116 4.74 8.90 -3.60
CA TYR A 116 4.18 7.57 -3.75
C TYR A 116 2.73 7.71 -4.21
N LEU A 117 2.43 7.19 -5.40
CA LEU A 117 1.09 7.24 -5.98
C LEU A 117 0.25 6.02 -5.59
N VAL A 118 -0.93 6.28 -5.04
CA VAL A 118 -1.86 5.21 -4.66
C VAL A 118 -2.78 5.04 -5.85
N THR A 119 -2.81 3.81 -6.37
CA THR A 119 -3.62 3.44 -7.53
C THR A 119 -4.99 2.88 -7.16
N ARG A 120 -5.84 2.77 -8.17
CA ARG A 120 -7.19 2.25 -8.04
C ARG A 120 -7.22 0.85 -7.45
N HIS A 121 -6.12 0.13 -7.58
CA HIS A 121 -6.05 -1.24 -7.04
C HIS A 121 -5.36 -1.24 -5.67
N ALA A 122 -5.24 -0.07 -5.07
CA ALA A 122 -4.61 0.06 -3.77
C ALA A 122 -3.12 -0.29 -3.73
N ASP A 123 -2.44 -0.08 -4.84
CA ASP A 123 -1.01 -0.32 -4.91
C ASP A 123 -0.40 1.05 -4.77
N VAL A 124 0.72 1.16 -4.09
CA VAL A 124 1.38 2.46 -3.96
C VAL A 124 2.72 2.33 -4.69
N ILE A 125 2.90 3.13 -5.73
CA ILE A 125 4.10 3.09 -6.54
C ILE A 125 4.92 4.37 -6.42
N PRO A 126 6.24 4.24 -6.26
CA PRO A 126 7.11 5.42 -6.12
C PRO A 126 7.30 6.22 -7.38
N VAL A 127 7.30 7.55 -7.23
CA VAL A 127 7.55 8.45 -8.33
C VAL A 127 8.49 9.52 -7.77
N ARG A 128 9.40 10.00 -8.61
CA ARG A 128 10.38 11.01 -8.22
C ARG A 128 9.93 12.34 -8.81
N ARG A 129 9.68 13.32 -7.94
CA ARG A 129 9.24 14.65 -8.35
C ARG A 129 10.27 15.31 -9.25
N ARG A 130 9.90 15.57 -10.49
CA ARG A 130 10.79 16.20 -11.44
C ARG A 130 10.48 17.68 -11.57
N GLY A 131 9.20 18.02 -11.44
CA GLY A 131 8.78 19.42 -11.54
C GLY A 131 7.57 19.61 -10.67
N ASP A 132 7.10 20.84 -10.52
CA ASP A 132 5.94 21.08 -9.66
C ASP A 132 4.69 20.32 -10.08
N SER A 133 4.70 19.74 -11.28
CA SER A 133 3.55 18.99 -11.74
C SER A 133 3.94 17.68 -12.41
N ARG A 134 5.20 17.26 -12.25
CA ARG A 134 5.65 16.03 -12.88
C ARG A 134 6.51 15.17 -11.97
N GLY A 135 6.50 13.87 -12.22
CA GLY A 135 7.27 12.94 -11.43
C GLY A 135 7.53 11.72 -12.31
N SER A 136 8.65 11.06 -12.10
CA SER A 136 9.01 9.90 -12.90
C SER A 136 8.74 8.59 -12.16
N LEU A 137 8.18 7.61 -12.86
CA LEU A 137 7.93 6.31 -12.24
C LEU A 137 9.26 5.58 -12.15
N LEU A 138 9.65 5.18 -10.94
CA LEU A 138 10.91 4.47 -10.77
C LEU A 138 10.79 3.09 -11.42
N SER A 139 9.57 2.60 -11.53
CA SER A 139 9.28 1.32 -12.15
C SER A 139 8.16 1.55 -13.15
N PRO A 140 8.51 1.72 -14.44
CA PRO A 140 7.51 1.95 -15.48
C PRO A 140 6.43 0.86 -15.44
N ARG A 141 5.22 1.23 -15.81
CA ARG A 141 4.11 0.30 -15.82
C ARG A 141 3.34 0.49 -17.11
N PRO A 142 2.53 -0.51 -17.49
CA PRO A 142 1.74 -0.39 -18.72
C PRO A 142 0.66 0.67 -18.46
N ILE A 143 0.29 1.43 -19.47
CA ILE A 143 -0.72 2.47 -19.31
C ILE A 143 -2.00 1.91 -18.67
N SER A 144 -2.39 0.70 -19.09
CA SER A 144 -3.59 0.02 -18.60
C SER A 144 -3.65 -0.09 -17.08
N TYR A 145 -2.49 -0.25 -16.47
CA TYR A 145 -2.39 -0.39 -15.03
C TYR A 145 -2.82 0.89 -14.30
N LEU A 146 -2.57 2.03 -14.93
CA LEU A 146 -2.91 3.31 -14.36
C LEU A 146 -4.32 3.80 -14.69
N LYS A 147 -5.02 3.08 -15.55
CA LYS A 147 -6.39 3.46 -15.90
C LYS A 147 -7.25 3.30 -14.65
N GLY A 148 -8.06 4.31 -14.38
CA GLY A 148 -8.91 4.28 -13.20
C GLY A 148 -8.29 4.96 -12.02
N SER A 149 -7.02 5.37 -12.12
CA SER A 149 -6.36 6.03 -10.99
C SER A 149 -6.40 7.55 -10.98
N SER A 150 -7.00 8.17 -12.00
CA SER A 150 -7.10 9.62 -12.08
C SER A 150 -7.83 10.15 -10.86
N GLY A 151 -7.27 11.17 -10.22
CA GLY A 151 -7.89 11.72 -9.03
C GLY A 151 -7.31 11.12 -7.75
N GLY A 152 -6.53 10.04 -7.88
CA GLY A 152 -5.93 9.42 -6.71
C GLY A 152 -4.84 10.28 -6.12
N PRO A 153 -4.41 10.02 -4.88
CA PRO A 153 -3.37 10.85 -4.25
C PRO A 153 -1.92 10.49 -4.50
N LEU A 154 -1.06 11.51 -4.50
CA LEU A 154 0.38 11.35 -4.59
C LEU A 154 0.80 11.79 -3.20
N LEU A 155 1.37 10.86 -2.45
CA LEU A 155 1.78 11.07 -1.07
C LEU A 155 3.28 11.24 -0.86
N CYS A 156 3.66 11.95 0.19
CA CYS A 156 5.07 12.12 0.52
C CYS A 156 5.38 10.98 1.52
N PRO A 157 6.65 10.79 1.93
CA PRO A 157 6.93 9.68 2.87
C PRO A 157 6.14 9.72 4.17
N ALA A 158 5.62 10.89 4.52
CA ALA A 158 4.86 11.05 5.75
C ALA A 158 3.38 10.72 5.59
N GLY A 159 2.95 10.50 4.36
CA GLY A 159 1.55 10.19 4.10
C GLY A 159 0.65 11.40 3.89
N HIS A 160 1.23 12.50 3.44
CA HIS A 160 0.45 13.70 3.20
C HIS A 160 0.38 13.96 1.73
N ALA A 161 -0.75 14.49 1.29
CA ALA A 161 -1.00 14.76 -0.11
C ALA A 161 -0.10 15.82 -0.73
N VAL A 162 0.56 15.46 -1.82
CA VAL A 162 1.42 16.35 -2.56
C VAL A 162 0.69 16.77 -3.83
N GLY A 163 -0.09 15.85 -4.38
CA GLY A 163 -0.83 16.13 -5.58
C GLY A 163 -1.86 15.05 -5.86
N LEU A 164 -2.61 15.24 -6.94
CA LEU A 164 -3.64 14.29 -7.38
C LEU A 164 -3.26 13.85 -8.80
N PHE A 165 -3.25 12.55 -9.05
CA PHE A 165 -2.91 12.02 -10.37
C PHE A 165 -3.85 12.50 -11.47
N ARG A 166 -3.28 13.12 -12.49
CA ARG A 166 -4.08 13.61 -13.60
C ARG A 166 -3.89 12.86 -14.94
N ALA A 167 -2.66 12.68 -15.39
CA ALA A 167 -2.43 11.99 -16.65
C ALA A 167 -1.12 11.24 -16.67
N ALA A 168 -1.04 10.23 -17.52
CA ALA A 168 0.17 9.45 -17.65
C ALA A 168 1.01 10.00 -18.79
N VAL A 169 2.33 9.95 -18.60
CA VAL A 169 3.28 10.40 -19.61
C VAL A 169 3.87 9.10 -20.15
N CYS A 170 3.31 8.61 -21.25
CA CYS A 170 3.74 7.34 -21.82
C CYS A 170 4.14 7.33 -23.29
N THR A 171 4.78 6.22 -23.68
CA THR A 171 5.24 5.98 -25.05
C THR A 171 5.19 4.48 -25.26
N ARG A 172 4.72 4.07 -26.44
CA ARG A 172 4.59 2.64 -26.79
C ARG A 172 3.70 1.91 -25.78
N GLY A 173 2.80 2.65 -25.16
CA GLY A 173 1.92 2.04 -24.18
C GLY A 173 2.53 1.80 -22.81
N VAL A 174 3.64 2.46 -22.51
CA VAL A 174 4.29 2.31 -21.21
C VAL A 174 4.46 3.65 -20.56
N ALA A 175 3.86 3.80 -19.38
CA ALA A 175 3.94 5.02 -18.62
C ALA A 175 5.29 5.12 -17.92
N LYS A 176 6.02 6.18 -18.20
CA LYS A 176 7.34 6.38 -17.62
C LYS A 176 7.32 7.52 -16.61
N ALA A 177 6.28 8.35 -16.70
CA ALA A 177 6.14 9.48 -15.82
C ALA A 177 4.66 9.76 -15.62
N VAL A 178 4.38 10.69 -14.71
CA VAL A 178 3.01 11.05 -14.43
C VAL A 178 2.87 12.56 -14.30
N ASP A 179 1.68 13.05 -14.64
CA ASP A 179 1.34 14.45 -14.58
C ASP A 179 0.29 14.55 -13.47
N PHE A 180 0.53 15.42 -12.49
CA PHE A 180 -0.40 15.55 -11.39
C PHE A 180 -0.79 17.00 -11.06
N ILE A 181 -1.85 17.16 -10.28
CA ILE A 181 -2.33 18.47 -9.86
C ILE A 181 -1.78 18.69 -8.45
N PRO A 182 -0.78 19.58 -8.29
CA PRO A 182 -0.23 19.82 -6.95
C PRO A 182 -1.26 20.45 -5.99
N VAL A 183 -1.18 20.11 -4.71
CA VAL A 183 -2.13 20.61 -3.69
C VAL A 183 -2.30 22.13 -3.73
N GLU A 184 -1.25 22.84 -4.13
CA GLU A 184 -1.28 24.29 -4.18
C GLU A 184 -2.40 24.76 -5.09
N ASN A 185 -2.68 24.00 -6.12
CA ASN A 185 -3.75 24.38 -7.04
C ASN A 185 -5.11 24.18 -6.40
N LEU A 186 -5.15 23.36 -5.35
CA LEU A 186 -6.38 23.12 -4.62
C LEU A 186 -6.71 24.39 -3.83
N GLU A 187 -5.72 24.91 -3.14
CA GLU A 187 -5.89 26.13 -2.35
C GLU A 187 -6.39 27.25 -3.29
N THR A 188 -5.70 27.41 -4.41
CA THR A 188 -6.03 28.40 -5.42
C THR A 188 -7.48 28.28 -5.88
N THR A 189 -7.89 27.05 -6.17
CA THR A 189 -9.24 26.80 -6.63
C THR A 189 -10.29 27.15 -5.58
N MET A 190 -9.95 26.90 -4.31
CA MET A 190 -10.87 27.20 -3.23
C MET A 190 -11.12 28.70 -3.10
N ARG A 191 -10.10 29.51 -3.40
CA ARG A 191 -10.24 30.95 -3.34
C ARG A 191 -10.84 31.53 -4.62
N SER A 192 -11.59 30.73 -5.36
CA SER A 192 -12.20 31.16 -6.61
C SER A 192 -13.67 30.72 -6.75
N LYS B 2 -26.55 15.68 -16.08
CA LYS B 2 -26.33 14.21 -16.28
C LYS B 2 -26.57 13.47 -14.96
N GLY B 3 -26.25 12.18 -14.96
CA GLY B 3 -26.41 11.37 -13.76
C GLY B 3 -25.34 11.78 -12.76
N SER B 4 -25.49 11.35 -11.51
CA SER B 4 -24.53 11.67 -10.48
C SER B 4 -23.34 10.72 -10.43
N VAL B 5 -22.23 11.25 -9.93
CA VAL B 5 -21.03 10.48 -9.72
C VAL B 5 -21.43 9.60 -8.52
N VAL B 6 -21.13 8.31 -8.59
CA VAL B 6 -21.46 7.37 -7.54
C VAL B 6 -20.22 6.72 -6.96
N ILE B 7 -20.19 6.58 -5.63
CA ILE B 7 -19.07 5.93 -4.96
C ILE B 7 -19.31 4.41 -5.07
N VAL B 8 -18.43 3.72 -5.77
CA VAL B 8 -18.56 2.27 -5.94
C VAL B 8 -17.53 1.46 -5.16
N GLY B 9 -16.76 2.13 -4.30
CA GLY B 9 -15.75 1.46 -3.52
C GLY B 9 -14.89 2.49 -2.79
N ARG B 10 -13.91 2.01 -2.05
CA ARG B 10 -13.02 2.87 -1.28
C ARG B 10 -11.63 2.26 -1.22
N ILE B 11 -10.64 3.09 -0.90
CA ILE B 11 -9.26 2.66 -0.75
C ILE B 11 -8.88 3.23 0.61
N VAL B 12 -8.45 2.36 1.52
CA VAL B 12 -8.11 2.79 2.86
C VAL B 12 -6.61 2.77 3.13
N LEU B 13 -6.10 3.93 3.53
CA LEU B 13 -4.70 4.17 3.85
C LEU B 13 -4.42 4.13 5.36
N SER B 14 -5.46 4.36 6.16
CA SER B 14 -5.30 4.41 7.60
C SER B 14 -5.13 3.07 8.31
N GLY B 15 -5.29 1.97 7.59
CA GLY B 15 -5.14 0.66 8.20
C GLY B 15 -3.69 0.42 8.55
N LYS B 16 -3.45 -0.41 9.56
CA LYS B 16 -2.10 -0.73 9.99
C LYS B 16 -1.97 -2.24 10.06
N PRO B 17 -0.73 -2.77 9.90
CA PRO B 17 -0.50 -4.22 9.96
C PRO B 17 -1.31 -4.86 11.06
N ALA B 18 -1.89 -6.01 10.77
CA ALA B 18 -2.70 -6.68 11.76
C ALA B 18 -2.72 -8.17 11.49
N ILE B 19 -2.86 -8.93 12.56
CA ILE B 19 -2.92 -10.38 12.47
C ILE B 19 -4.36 -10.69 12.07
N ILE B 20 -4.52 -11.36 10.93
CA ILE B 20 -5.84 -11.70 10.45
C ILE B 20 -6.56 -12.59 11.44
N PRO B 21 -7.67 -12.10 12.02
CA PRO B 21 -8.43 -12.89 12.99
C PRO B 21 -8.88 -14.20 12.40
N LYS B 22 -8.61 -15.29 13.13
CA LYS B 22 -8.97 -16.64 12.71
C LYS B 22 -10.44 -16.86 13.05
N LYS B 23 -11.27 -16.74 12.03
CA LYS B 23 -12.71 -16.91 12.16
C LYS B 23 -13.16 -17.83 11.03
N VAL C 40 -9.57 -12.05 3.10
CA VAL C 40 -8.39 -11.16 3.24
C VAL C 40 -7.21 -12.09 3.12
N GLU C 41 -6.17 -11.65 2.42
CA GLU C 41 -4.96 -12.45 2.25
C GLU C 41 -3.81 -11.75 2.98
N GLY C 42 -2.91 -12.53 3.56
CA GLY C 42 -1.77 -11.95 4.26
C GLY C 42 -0.46 -12.10 3.54
N GLU C 43 0.43 -11.12 3.68
CA GLU C 43 1.73 -11.16 3.03
C GLU C 43 2.71 -11.87 3.96
N VAL C 44 2.47 -11.78 5.25
CA VAL C 44 3.33 -12.39 6.25
C VAL C 44 2.67 -13.55 6.98
N GLN C 45 3.38 -14.66 7.05
CA GLN C 45 2.87 -15.83 7.73
C GLN C 45 3.62 -16.02 9.05
N ILE C 46 2.88 -16.35 10.09
CA ILE C 46 3.46 -16.62 11.40
C ILE C 46 3.61 -18.14 11.40
N VAL C 47 4.84 -18.62 11.32
CA VAL C 47 5.10 -20.04 11.25
C VAL C 47 5.76 -20.64 12.50
N SER C 48 5.73 -21.97 12.60
CA SER C 48 6.31 -22.68 13.73
C SER C 48 6.82 -24.07 13.35
N THR C 49 7.86 -24.49 14.05
CA THR C 49 8.44 -25.81 13.89
C THR C 49 8.27 -26.37 15.30
N ALA C 50 8.67 -27.60 15.52
CA ALA C 50 8.51 -28.20 16.85
C ALA C 50 9.26 -27.42 17.91
N THR C 51 10.36 -26.80 17.52
CA THR C 51 11.18 -26.07 18.45
C THR C 51 10.95 -24.57 18.55
N GLN C 52 10.67 -23.92 17.42
CA GLN C 52 10.49 -22.48 17.46
C GLN C 52 9.38 -21.90 16.60
N THR C 53 9.15 -20.61 16.77
CA THR C 53 8.15 -19.86 16.04
C THR C 53 8.86 -18.67 15.44
N PHE C 54 8.50 -18.32 14.23
CA PHE C 54 9.12 -17.20 13.54
C PHE C 54 8.17 -16.77 12.42
N LEU C 55 8.67 -16.00 11.46
CA LEU C 55 7.84 -15.52 10.36
C LEU C 55 8.34 -15.91 8.98
N ALA C 56 7.46 -15.77 8.00
CA ALA C 56 7.79 -16.04 6.61
C ALA C 56 7.12 -14.87 5.88
N THR C 57 7.69 -14.47 4.74
CA THR C 57 7.18 -13.35 3.95
C THR C 57 7.06 -13.76 2.50
N CYS C 58 5.90 -13.54 1.90
CA CYS C 58 5.71 -13.87 0.51
C CYS C 58 6.15 -12.71 -0.37
N ILE C 59 7.16 -12.94 -1.22
CA ILE C 59 7.65 -11.91 -2.15
C ILE C 59 7.77 -12.58 -3.51
N ASN C 60 7.09 -12.01 -4.49
CA ASN C 60 7.09 -12.50 -5.87
C ASN C 60 6.68 -13.97 -6.01
N GLY C 61 5.58 -14.34 -5.36
CA GLY C 61 5.08 -15.71 -5.46
C GLY C 61 5.79 -16.76 -4.62
N VAL C 62 6.80 -16.36 -3.87
CA VAL C 62 7.53 -17.31 -3.03
C VAL C 62 7.38 -16.89 -1.57
N CYS C 63 7.29 -17.89 -0.70
CA CYS C 63 7.17 -17.72 0.75
C CYS C 63 8.59 -17.92 1.31
N TRP C 64 9.25 -16.82 1.67
CA TRP C 64 10.62 -16.84 2.19
C TRP C 64 10.69 -16.76 3.70
N THR C 65 11.77 -17.29 4.24
CA THR C 65 12.03 -17.28 5.68
C THR C 65 13.50 -17.59 5.93
N VAL C 66 13.92 -17.51 7.19
CA VAL C 66 15.31 -17.77 7.56
C VAL C 66 15.64 -19.24 7.70
N TYR C 67 16.76 -19.65 7.09
CA TYR C 67 17.23 -21.03 7.14
C TYR C 67 17.47 -21.49 8.58
N HIS C 68 17.78 -20.56 9.48
CA HIS C 68 18.00 -20.94 10.87
C HIS C 68 16.71 -21.29 11.60
N GLY C 69 15.57 -21.01 10.98
CA GLY C 69 14.30 -21.31 11.60
C GLY C 69 13.70 -22.55 10.96
N ALA C 70 13.77 -22.61 9.63
CA ALA C 70 13.20 -23.73 8.87
C ALA C 70 14.16 -24.86 8.53
N GLY C 71 15.40 -24.53 8.23
CA GLY C 71 16.36 -25.55 7.86
C GLY C 71 15.99 -25.97 6.46
N THR C 72 15.84 -27.27 6.26
CA THR C 72 15.47 -27.80 4.95
C THR C 72 14.08 -28.39 5.06
N ARG C 73 13.40 -27.99 6.12
CA ARG C 73 12.06 -28.46 6.40
C ARG C 73 11.09 -28.16 5.28
N THR C 74 10.08 -28.99 5.19
CA THR C 74 9.06 -28.85 4.19
C THR C 74 7.95 -28.03 4.86
N ILE C 75 7.05 -27.45 4.08
CA ILE C 75 5.94 -26.68 4.64
C ILE C 75 4.62 -27.44 4.49
N ALA C 76 3.78 -27.36 5.52
CA ALA C 76 2.51 -28.04 5.52
C ALA C 76 1.49 -27.45 4.57
N SER C 77 0.64 -28.31 4.02
CA SER C 77 -0.44 -27.91 3.12
C SER C 77 -1.50 -28.98 3.27
N PRO C 78 -2.74 -28.67 2.85
CA PRO C 78 -3.79 -29.70 2.98
C PRO C 78 -3.64 -30.90 2.05
N LYS C 79 -2.70 -30.83 1.11
CA LYS C 79 -2.44 -31.92 0.17
C LYS C 79 -1.09 -32.56 0.52
N GLY C 80 -0.63 -32.30 1.74
CA GLY C 80 0.63 -32.85 2.18
C GLY C 80 1.72 -31.80 2.18
N PRO C 81 2.92 -32.14 2.64
CA PRO C 81 4.06 -31.20 2.71
C PRO C 81 4.61 -30.86 1.33
N VAL C 82 4.99 -29.60 1.14
CA VAL C 82 5.55 -29.18 -0.13
C VAL C 82 7.00 -28.80 0.14
N ILE C 83 7.90 -29.29 -0.71
CA ILE C 83 9.33 -29.01 -0.52
C ILE C 83 9.75 -27.61 -0.91
N GLN C 84 10.87 -27.19 -0.36
CA GLN C 84 11.41 -25.88 -0.64
C GLN C 84 11.78 -25.73 -2.10
N MET C 85 11.48 -24.55 -2.63
CA MET C 85 11.81 -24.19 -4.00
C MET C 85 13.25 -23.69 -4.03
N TYR C 86 13.66 -22.98 -2.98
CA TYR C 86 15.01 -22.43 -2.88
C TYR C 86 15.54 -22.67 -1.49
N THR C 87 16.85 -22.82 -1.39
CA THR C 87 17.53 -23.04 -0.12
C THR C 87 18.93 -22.50 -0.31
N ASN C 88 19.29 -21.50 0.48
CA ASN C 88 20.59 -20.88 0.40
C ASN C 88 21.12 -20.63 1.79
N VAL C 89 21.69 -21.69 2.37
CA VAL C 89 22.24 -21.63 3.71
C VAL C 89 23.18 -20.44 3.90
N ASP C 90 23.89 -20.09 2.84
CA ASP C 90 24.83 -18.97 2.89
C ASP C 90 24.12 -17.68 3.23
N GLN C 91 23.02 -17.41 2.53
CA GLN C 91 22.26 -16.19 2.77
C GLN C 91 21.33 -16.37 3.96
N ASP C 92 21.21 -17.61 4.46
CA ASP C 92 20.32 -17.92 5.58
C ASP C 92 18.87 -17.74 5.09
N LEU C 93 18.65 -18.16 3.85
CA LEU C 93 17.38 -18.03 3.17
C LEU C 93 16.82 -19.34 2.59
N VAL C 94 15.51 -19.52 2.69
CA VAL C 94 14.83 -20.69 2.13
C VAL C 94 13.55 -20.16 1.49
N GLY C 95 12.97 -20.92 0.56
CA GLY C 95 11.76 -20.45 -0.09
C GLY C 95 10.89 -21.58 -0.54
N TRP C 96 9.60 -21.50 -0.24
CA TRP C 96 8.61 -22.50 -0.63
C TRP C 96 7.62 -21.79 -1.53
N PRO C 97 6.78 -22.55 -2.25
CA PRO C 97 5.78 -21.91 -3.11
C PRO C 97 4.83 -21.15 -2.18
N ALA C 98 4.39 -19.96 -2.57
CA ALA C 98 3.49 -19.19 -1.72
C ALA C 98 2.28 -20.03 -1.34
N PRO C 99 1.94 -20.10 -0.04
CA PRO C 99 0.81 -20.88 0.48
C PRO C 99 -0.57 -20.26 0.25
N GLN C 100 -1.62 -20.98 0.65
CA GLN C 100 -2.99 -20.50 0.49
C GLN C 100 -3.28 -19.42 1.51
N GLY C 101 -4.04 -18.42 1.10
CA GLY C 101 -4.39 -17.33 1.98
C GLY C 101 -3.31 -16.27 2.09
N SER C 102 -2.42 -16.25 1.11
CA SER C 102 -1.34 -15.28 1.11
C SER C 102 -1.37 -14.45 -0.16
N ARG C 103 -0.60 -13.36 -0.13
CA ARG C 103 -0.45 -12.47 -1.25
C ARG C 103 0.99 -12.01 -1.15
N SER C 104 1.59 -11.72 -2.30
CA SER C 104 2.97 -11.31 -2.33
C SER C 104 3.22 -9.82 -2.16
N LEU C 105 4.43 -9.52 -1.70
CA LEU C 105 4.91 -8.18 -1.48
C LEU C 105 5.73 -7.81 -2.72
N THR C 106 5.77 -6.52 -3.02
CA THR C 106 6.49 -6.01 -4.16
C THR C 106 7.86 -5.49 -3.69
N PRO C 107 8.94 -5.93 -4.36
CA PRO C 107 10.28 -5.49 -3.97
C PRO C 107 10.42 -3.97 -4.06
N CYS C 108 11.19 -3.39 -3.15
CA CYS C 108 11.37 -1.95 -3.18
C CYS C 108 12.17 -1.51 -4.41
N THR C 109 11.85 -0.33 -4.93
CA THR C 109 12.55 0.24 -6.07
C THR C 109 12.82 1.73 -5.91
N CYS C 110 12.49 2.27 -4.74
CA CYS C 110 12.68 3.68 -4.46
C CYS C 110 14.04 3.94 -3.85
N GLY C 111 14.61 2.90 -3.24
CA GLY C 111 15.92 3.03 -2.62
C GLY C 111 15.98 3.77 -1.29
N SER C 112 14.85 3.92 -0.61
CA SER C 112 14.84 4.60 0.67
C SER C 112 15.64 3.90 1.77
N SER C 113 16.05 4.69 2.75
CA SER C 113 16.80 4.21 3.89
C SER C 113 15.94 4.24 5.14
N ASP C 114 14.72 4.72 5.01
CA ASP C 114 13.80 4.75 6.13
C ASP C 114 12.95 3.49 6.00
N LEU C 115 13.41 2.45 6.69
CA LEU C 115 12.79 1.15 6.72
C LEU C 115 11.84 0.97 7.90
N TYR C 116 10.98 -0.04 7.83
CA TYR C 116 10.02 -0.35 8.89
C TYR C 116 9.95 -1.86 9.05
N LEU C 117 10.20 -2.34 10.25
CA LEU C 117 10.21 -3.77 10.53
C LEU C 117 8.85 -4.15 11.09
N VAL C 118 8.29 -5.24 10.59
CA VAL C 118 6.99 -5.70 11.08
C VAL C 118 7.28 -6.93 11.91
N THR C 119 6.78 -6.93 13.16
CA THR C 119 7.03 -8.03 14.07
C THR C 119 5.92 -9.07 14.01
N ARG C 120 6.12 -10.21 14.68
CA ARG C 120 5.14 -11.28 14.70
C ARG C 120 3.87 -10.83 15.40
N HIS C 121 3.93 -9.71 16.10
CA HIS C 121 2.76 -9.20 16.80
C HIS C 121 2.10 -8.09 16.01
N ALA C 122 2.61 -7.87 14.80
CA ALA C 122 2.13 -6.85 13.87
C ALA C 122 2.61 -5.43 14.22
N ASP C 123 3.57 -5.34 15.14
CA ASP C 123 4.14 -4.06 15.54
C ASP C 123 5.03 -3.60 14.42
N VAL C 124 5.07 -2.28 14.18
CA VAL C 124 5.90 -1.72 13.13
C VAL C 124 7.01 -0.96 13.84
N ILE C 125 8.27 -1.24 13.47
CA ILE C 125 9.44 -0.60 14.09
C ILE C 125 10.27 0.14 13.07
N PRO C 126 10.38 1.46 13.19
CA PRO C 126 11.18 2.24 12.24
C PRO C 126 12.66 1.90 12.36
N VAL C 127 13.30 1.68 11.22
CA VAL C 127 14.71 1.32 11.14
C VAL C 127 15.40 2.21 10.11
N ARG C 128 16.56 2.74 10.46
CA ARG C 128 17.32 3.58 9.55
C ARG C 128 18.36 2.64 8.95
N ARG C 129 18.34 2.51 7.64
CA ARG C 129 19.28 1.64 6.95
C ARG C 129 20.70 2.18 7.05
N ARG C 130 21.59 1.34 7.54
CA ARG C 130 22.99 1.71 7.69
C ARG C 130 23.85 1.12 6.58
N GLY C 131 23.40 0.02 6.00
CA GLY C 131 24.17 -0.61 4.93
C GLY C 131 23.40 -1.71 4.22
N ASP C 132 24.01 -2.22 3.16
CA ASP C 132 23.44 -3.29 2.34
C ASP C 132 22.58 -4.31 3.10
N SER C 133 23.02 -4.69 4.29
CA SER C 133 22.26 -5.66 5.04
C SER C 133 22.06 -5.30 6.51
N ARG C 134 22.08 -4.01 6.83
CA ARG C 134 21.87 -3.64 8.21
C ARG C 134 21.23 -2.27 8.39
N GLY C 135 20.52 -2.13 9.50
CA GLY C 135 19.83 -0.89 9.83
C GLY C 135 19.74 -0.74 11.34
N SER C 136 19.62 0.50 11.80
CA SER C 136 19.53 0.80 13.22
C SER C 136 18.13 1.19 13.65
N LEU C 137 17.63 0.61 14.74
CA LEU C 137 16.30 0.95 15.22
C LEU C 137 16.33 2.40 15.63
N LEU C 138 15.31 3.16 15.25
CA LEU C 138 15.28 4.56 15.65
C LEU C 138 15.00 4.69 17.15
N SER C 139 14.66 3.58 17.78
CA SER C 139 14.38 3.52 19.20
C SER C 139 14.61 2.07 19.64
N PRO C 140 15.82 1.75 20.14
CA PRO C 140 16.13 0.38 20.59
C PRO C 140 15.05 -0.20 21.48
N ARG C 141 14.78 -1.49 21.32
CA ARG C 141 13.76 -2.17 22.09
C ARG C 141 14.40 -3.37 22.75
N PRO C 142 13.86 -3.82 23.88
CA PRO C 142 14.45 -5.01 24.51
C PRO C 142 14.33 -6.16 23.51
N ILE C 143 15.33 -7.03 23.47
CA ILE C 143 15.34 -8.14 22.53
C ILE C 143 14.03 -8.94 22.47
N SER C 144 13.35 -9.05 23.59
CA SER C 144 12.09 -9.77 23.65
C SER C 144 11.08 -9.26 22.63
N TYR C 145 11.09 -7.95 22.40
CA TYR C 145 10.19 -7.31 21.46
C TYR C 145 10.40 -7.78 20.03
N LEU C 146 11.62 -8.17 19.69
CA LEU C 146 11.93 -8.63 18.34
C LEU C 146 11.96 -10.14 18.17
N LYS C 147 11.83 -10.87 19.26
CA LYS C 147 11.85 -12.34 19.22
C LYS C 147 10.68 -12.89 18.43
N GLY C 148 10.93 -13.99 17.72
CA GLY C 148 9.91 -14.65 16.92
C GLY C 148 9.60 -13.95 15.61
N SER C 149 10.37 -12.93 15.28
CA SER C 149 10.13 -12.17 14.06
C SER C 149 11.05 -12.40 12.88
N SER C 150 12.06 -13.24 13.05
CA SER C 150 12.99 -13.50 11.95
C SER C 150 12.17 -14.05 10.79
N GLY C 151 12.42 -13.53 9.60
CA GLY C 151 11.68 -13.98 8.44
C GLY C 151 10.66 -12.93 8.04
N GLY C 152 10.39 -12.00 8.97
CA GLY C 152 9.45 -10.92 8.69
C GLY C 152 10.03 -9.93 7.70
N PRO C 153 9.23 -8.97 7.20
CA PRO C 153 9.76 -8.02 6.23
C PRO C 153 10.24 -6.68 6.77
N LEU C 154 11.21 -6.11 6.05
CA LEU C 154 11.74 -4.79 6.32
C LEU C 154 11.09 -4.08 5.14
N LEU C 155 10.22 -3.12 5.42
CA LEU C 155 9.51 -2.38 4.40
C LEU C 155 10.04 -0.94 4.24
N CYS C 156 9.83 -0.37 3.06
CA CYS C 156 10.23 0.99 2.79
C CYS C 156 8.98 1.88 2.97
N PRO C 157 9.10 3.21 2.77
CA PRO C 157 7.95 4.11 2.92
C PRO C 157 6.72 3.73 2.10
N ALA C 158 6.92 2.96 1.04
CA ALA C 158 5.80 2.54 0.18
C ALA C 158 5.27 1.16 0.56
N GLY C 159 5.76 0.61 1.66
CA GLY C 159 5.32 -0.69 2.10
C GLY C 159 5.83 -1.83 1.24
N HIS C 160 6.81 -1.54 0.37
CA HIS C 160 7.40 -2.55 -0.50
C HIS C 160 8.55 -3.23 0.25
N ALA C 161 8.86 -4.47 -0.11
CA ALA C 161 9.91 -5.26 0.55
C ALA C 161 11.33 -4.80 0.25
N VAL C 162 12.06 -4.47 1.31
CA VAL C 162 13.45 -4.01 1.19
C VAL C 162 14.36 -5.18 1.51
N GLY C 163 13.96 -5.98 2.49
CA GLY C 163 14.75 -7.12 2.87
C GLY C 163 13.96 -7.98 3.81
N LEU C 164 14.57 -9.10 4.21
CA LEU C 164 13.95 -10.05 5.12
C LEU C 164 14.71 -9.99 6.45
N PHE C 165 14.02 -9.72 7.55
CA PHE C 165 14.65 -9.66 8.87
C PHE C 165 15.38 -10.95 9.17
N ARG C 166 16.71 -10.86 9.32
CA ARG C 166 17.55 -12.02 9.59
C ARG C 166 17.86 -12.24 11.08
N ALA C 167 18.43 -11.24 11.73
CA ALA C 167 18.77 -11.34 13.16
C ALA C 167 18.87 -9.99 13.85
N ALA C 168 18.59 -9.99 15.14
CA ALA C 168 18.64 -8.77 15.92
C ALA C 168 20.07 -8.61 16.43
N VAL C 169 20.60 -7.40 16.36
CA VAL C 169 21.95 -7.10 16.84
C VAL C 169 21.80 -6.45 18.22
N CYS C 170 22.03 -7.25 19.25
CA CYS C 170 21.87 -6.82 20.64
C CYS C 170 23.10 -6.37 21.39
N THR C 171 22.85 -5.59 22.42
CA THR C 171 23.88 -5.09 23.32
C THR C 171 23.30 -5.14 24.72
N ARG C 172 23.57 -6.22 25.42
CA ARG C 172 23.09 -6.40 26.79
C ARG C 172 21.58 -6.55 26.86
N GLY C 173 21.01 -7.33 25.94
CA GLY C 173 19.57 -7.54 25.96
C GLY C 173 18.71 -6.51 25.25
N VAL C 174 19.32 -5.45 24.75
CA VAL C 174 18.56 -4.44 24.03
C VAL C 174 18.93 -4.47 22.56
N ALA C 175 17.91 -4.64 21.72
CA ALA C 175 18.10 -4.68 20.29
C ALA C 175 18.13 -3.25 19.78
N LYS C 176 19.29 -2.82 19.27
CA LYS C 176 19.46 -1.48 18.73
C LYS C 176 19.59 -1.51 17.22
N ALA C 177 19.90 -2.68 16.66
CA ALA C 177 20.05 -2.81 15.21
C ALA C 177 19.61 -4.20 14.77
N VAL C 178 19.50 -4.39 13.46
CA VAL C 178 19.09 -5.66 12.89
C VAL C 178 19.86 -5.96 11.62
N ASP C 179 20.00 -7.24 11.33
CA ASP C 179 20.65 -7.71 10.11
C ASP C 179 19.48 -8.14 9.25
N PHE C 180 19.58 -7.92 7.94
CA PHE C 180 18.51 -8.32 7.04
C PHE C 180 19.07 -8.82 5.71
N ILE C 181 18.29 -9.64 5.02
CA ILE C 181 18.68 -10.19 3.71
C ILE C 181 18.05 -9.30 2.63
N PRO C 182 18.86 -8.55 1.86
CA PRO C 182 18.30 -7.69 0.82
C PRO C 182 17.39 -8.45 -0.15
N VAL C 183 16.32 -7.81 -0.61
CA VAL C 183 15.42 -8.46 -1.56
C VAL C 183 16.18 -8.89 -2.81
N GLU C 184 17.25 -8.16 -3.10
CA GLU C 184 18.07 -8.46 -4.27
C GLU C 184 18.58 -9.89 -4.22
N ASN C 185 18.89 -10.38 -3.03
CA ASN C 185 19.39 -11.74 -2.88
C ASN C 185 18.29 -12.69 -3.25
N LEU C 186 17.07 -12.37 -2.83
CA LEU C 186 15.92 -13.21 -3.15
C LEU C 186 15.70 -13.20 -4.65
N GLU C 187 15.65 -12.00 -5.23
CA GLU C 187 15.44 -11.83 -6.66
C GLU C 187 16.47 -12.66 -7.42
N THR C 188 17.71 -12.61 -6.94
CA THR C 188 18.82 -13.33 -7.53
C THR C 188 18.69 -14.85 -7.40
N THR C 189 18.22 -15.30 -6.24
CA THR C 189 18.06 -16.74 -5.98
C THR C 189 17.04 -17.34 -6.94
N MET C 190 16.08 -16.52 -7.36
CA MET C 190 15.03 -16.92 -8.27
C MET C 190 15.51 -16.98 -9.72
N GLY D 3 10.55 -33.05 10.29
CA GLY D 3 9.32 -32.32 10.70
C GLY D 3 8.86 -31.42 9.57
N SER D 4 7.83 -30.61 9.80
CA SER D 4 7.31 -29.70 8.79
C SER D 4 7.03 -28.34 9.42
N VAL D 5 7.11 -27.29 8.62
CA VAL D 5 6.85 -25.94 9.11
C VAL D 5 5.37 -25.71 8.88
N VAL D 6 4.65 -25.36 9.94
CA VAL D 6 3.23 -25.10 9.81
C VAL D 6 2.91 -23.62 9.98
N ILE D 7 1.83 -23.21 9.35
CA ILE D 7 1.41 -21.83 9.44
C ILE D 7 0.45 -21.71 10.60
N VAL D 8 0.82 -20.90 11.59
CA VAL D 8 -0.03 -20.71 12.76
C VAL D 8 -0.86 -19.44 12.72
N GLY D 9 -0.57 -18.54 11.79
CA GLY D 9 -1.34 -17.31 11.71
C GLY D 9 -0.93 -16.50 10.51
N ARG D 10 -1.57 -15.36 10.31
CA ARG D 10 -1.24 -14.52 9.17
C ARG D 10 -1.36 -13.04 9.51
N ILE D 11 -0.56 -12.23 8.83
CA ILE D 11 -0.57 -10.79 9.02
C ILE D 11 -0.86 -10.05 7.70
N VAL D 12 -1.86 -9.18 7.71
CA VAL D 12 -2.18 -8.38 6.54
C VAL D 12 -1.59 -6.99 6.81
N LEU D 13 -0.62 -6.57 6.01
CA LEU D 13 0.05 -5.29 6.19
C LEU D 13 -0.82 -4.03 6.05
N SER D 14 -1.91 -4.13 5.32
CA SER D 14 -2.82 -3.00 5.12
C SER D 14 -3.85 -2.86 6.23
N GLY D 15 -3.98 -3.90 7.06
CA GLY D 15 -4.96 -3.87 8.12
C GLY D 15 -6.34 -4.14 7.58
N LYS D 16 -6.41 -4.67 6.36
CA LYS D 16 -7.68 -4.97 5.71
C LYS D 16 -8.56 -5.94 6.49
N PRO D 17 -9.75 -5.48 6.87
CA PRO D 17 -10.70 -6.29 7.63
C PRO D 17 -11.56 -7.16 6.73
N ALA D 18 -12.13 -6.54 5.69
CA ALA D 18 -13.02 -7.16 4.70
C ALA D 18 -13.92 -8.33 5.17
ZN ZN E . 5.29 15.81 3.52
C1 M66 F . -1.44 12.18 -21.82
O2 M66 F . -2.19 12.85 -22.54
N3 M66 F . -0.25 12.62 -21.45
O4 M66 F . 2.10 10.93 -22.67
N5 M66 F . 1.08 12.65 -23.76
C6 M66 F . 0.28 13.89 -21.92
C7 M66 F . 0.59 14.85 -20.83
C8 M66 F . 1.65 14.30 -19.90
C9 M66 F . 1.11 16.11 -21.47
C10 M66 F . -0.69 15.24 -20.11
C11 M66 F . 1.40 11.35 -23.61
C12 M66 F . 0.90 10.34 -24.64
C13 M66 F . 0.53 10.99 -25.94
C14 M66 F . -0.39 12.16 -25.69
C15 M66 F . 0.32 13.22 -24.89
C16 M66 F . 1.51 13.66 -22.78
N17 M66 F . -1.80 10.98 -21.35
C18 M66 F . -3.16 10.47 -21.44
C19 M66 F . -3.05 8.99 -21.55
C20 M66 F . -4.32 8.22 -21.49
C21 M66 F . -2.28 8.56 -22.74
C22 M66 F . -4.05 7.13 -22.32
C23 M66 F . -2.85 7.34 -23.05
C24 M66 F . -2.39 6.37 -23.93
C25 M66 F . -3.10 5.19 -24.12
C26 M66 F . -4.29 4.97 -23.41
C27 M66 F . -4.75 5.95 -22.52
C28 M66 F . -3.91 10.73 -20.15
O29 M66 F . -3.47 10.31 -19.08
N30 M66 F . -4.99 11.51 -20.22
C31 M66 F . -5.59 12.09 -21.43
C32 M66 F . -5.78 11.81 -19.02
C33 M66 F . -6.84 12.79 -19.47
C34 M66 F . -6.62 13.04 -20.93
C35 M66 F . -6.32 14.17 -19.95
C36 M66 F . -7.28 15.31 -19.98
C37 M66 F . -4.89 14.56 -19.75
C38 M66 F . -6.37 10.49 -18.51
O39 M66 F . -6.94 9.73 -19.30
N40 M66 F . -6.24 10.21 -17.23
C41 M66 F . -6.76 8.96 -16.70
C42 M66 F . -5.59 8.01 -16.37
C43 M66 F . -5.13 7.16 -17.56
C44 M66 F . -3.74 6.69 -17.29
O45 M66 F . -8.75 10.15 -15.91
C46 M66 F . -7.76 9.15 -15.52
O47 M66 F . -8.04 7.02 -14.53
N48 M66 F . -9.59 7.70 -16.02
C49 M66 F . -10.38 6.47 -16.03
C50 M66 F . -10.15 5.66 -17.29
C51 M66 F . -8.88 5.40 -17.77
C52 M66 F . -8.48 7.86 -15.32
ZN ZN G . 10.58 1.49 -1.90
#